data_6A1W
#
_entry.id   6A1W
#
_cell.length_a   137.541
_cell.length_b   137.541
_cell.length_c   112.180
_cell.angle_alpha   90.000
_cell.angle_beta   90.000
_cell.angle_gamma   90.000
#
_symmetry.space_group_name_H-M   'I 4 2 2'
#
loop_
_entity.id
_entity.type
_entity.pdbx_description
1 polymer '4-hydroxymandelate oxidase'
2 non-polymer 'MAGNESIUM ION'
3 non-polymer 1-[(1aR,11R)-11-acetyl-8,9-dimethyl-2,4-dioxo-3,4-dihydrobenzo[g]oxazireno[3,2-e]pteridin-11-ium-6(2H)-yl]-1-deoxy-5-O-phosphono-D-ribitol
4 water water
#
_entity_poly.entity_id   1
_entity_poly.type   'polypeptide(L)'
_entity_poly.pdbx_seq_one_letter_code
;MGSSHHHHHHSSGLVPRGSHMTYVSLADLERAARDVLPGEIFDFLAGGSGTEASLVANRTALERVFVIPRMLRDLTDVTT
EIDIFGRRAALPMAVAPVAYQRLFHPEGELAVARAARDAGVPYTICTLSSVSLEEIAAVGGRPWFQLYWLRDEKRSLDLV
RRAEDAGCEAIVFTVDVPWMGRRLRDMRNGFALPEWVTAANFDAGTAAHRRTQGVSAVADHTAREFAPATWESVEAVRAH
TDLPVVLKGILAVEDARRAVDAGAGGIVVSNHGGRQLDGAVPGIEMLGEIVAAVSGGCEVLVDGGIRSGGDVLKATALGA
SAVLVGRPVMWALAAAGQDGVRQLLELLAEEVRDAMGLAGCESVGAARRLNTKLGVV
;
_entity_poly.pdbx_strand_id   A
#
# COMPACT_ATOMS: atom_id res chain seq x y z
N THR A 22 -13.98 19.96 -0.06
CA THR A 22 -15.30 19.29 0.23
C THR A 22 -15.50 18.14 -0.77
N TYR A 23 -14.55 17.20 -0.79
CA TYR A 23 -14.49 16.19 -1.84
C TYR A 23 -15.47 15.06 -1.51
N VAL A 24 -16.10 14.47 -2.52
CA VAL A 24 -17.09 13.38 -2.30
C VAL A 24 -16.57 12.04 -2.86
N SER A 25 -15.48 12.07 -3.66
CA SER A 25 -14.75 10.87 -4.15
C SER A 25 -13.25 11.22 -4.36
N LEU A 26 -12.46 10.17 -4.61
CA LEU A 26 -11.02 10.36 -4.76
C LEU A 26 -10.70 11.08 -6.07
N ALA A 27 -11.62 11.05 -7.05
CA ALA A 27 -11.34 11.61 -8.39
C ALA A 27 -11.30 13.14 -8.36
N ASP A 28 -12.09 13.72 -7.46
CA ASP A 28 -12.02 15.15 -7.15
C ASP A 28 -10.56 15.57 -6.86
N LEU A 29 -9.85 14.77 -6.05
CA LEU A 29 -8.48 15.12 -5.60
C LEU A 29 -7.48 14.92 -6.73
N GLU A 30 -7.70 13.97 -7.67
CA GLU A 30 -6.75 13.79 -8.77
C GLU A 30 -6.73 15.09 -9.58
N ARG A 31 -7.93 15.65 -9.84
CA ARG A 31 -8.07 16.86 -10.68
C ARG A 31 -7.33 18.00 -9.98
N ALA A 32 -7.58 18.13 -8.68
CA ALA A 32 -6.98 19.19 -7.88
C ALA A 32 -5.45 19.06 -7.90
N ALA A 33 -4.92 17.83 -7.75
CA ALA A 33 -3.48 17.63 -7.82
C ALA A 33 -2.95 17.97 -9.23
N ARG A 34 -3.69 17.61 -10.27
CA ARG A 34 -3.25 17.85 -11.67
C ARG A 34 -3.07 19.36 -11.90
N ASP A 35 -4.04 20.14 -11.39
CA ASP A 35 -4.02 21.64 -11.49
C ASP A 35 -2.76 22.21 -10.82
N VAL A 36 -2.39 21.71 -9.64
CA VAL A 36 -1.37 22.39 -8.86
C VAL A 36 0.05 21.89 -9.18
N LEU A 37 0.24 20.59 -9.54
CA LEU A 37 1.62 20.05 -9.70
C LEU A 37 2.17 20.43 -11.07
N PRO A 38 3.47 20.70 -11.19
CA PRO A 38 4.10 20.72 -12.51
C PRO A 38 3.79 19.39 -13.24
N GLY A 39 3.59 19.46 -14.55
CA GLY A 39 3.28 18.28 -15.37
C GLY A 39 4.26 17.14 -15.16
N GLU A 40 5.55 17.43 -15.09
CA GLU A 40 6.51 16.35 -15.08
C GLU A 40 6.38 15.61 -13.74
N ILE A 41 5.97 16.32 -12.68
CA ILE A 41 5.79 15.71 -11.37
C ILE A 41 4.49 14.90 -11.34
N PHE A 42 3.41 15.42 -11.91
CA PHE A 42 2.19 14.68 -12.00
C PHE A 42 2.45 13.37 -12.75
N ASP A 43 3.29 13.41 -13.79
CA ASP A 43 3.59 12.26 -14.59
C ASP A 43 4.45 11.26 -13.82
N PHE A 44 5.42 11.75 -13.05
CA PHE A 44 6.23 10.88 -12.25
C PHE A 44 5.27 10.06 -11.35
N LEU A 45 4.26 10.73 -10.80
CA LEU A 45 3.29 10.12 -9.85
C LEU A 45 2.35 9.15 -10.58
N ALA A 46 1.72 9.59 -11.67
CA ALA A 46 0.63 8.89 -12.33
C ALA A 46 1.15 7.66 -13.08
N GLY A 47 2.36 7.77 -13.61
CA GLY A 47 2.78 6.90 -14.71
C GLY A 47 3.08 5.47 -14.26
N GLY A 48 3.17 4.57 -15.25
CA GLY A 48 3.70 3.21 -15.01
C GLY A 48 4.79 2.89 -15.99
N SER A 49 5.23 1.64 -16.01
CA SER A 49 6.28 1.21 -16.89
C SER A 49 5.70 0.86 -18.27
N GLY A 50 6.57 0.87 -19.28
CA GLY A 50 6.18 0.30 -20.59
C GLY A 50 5.02 1.04 -21.19
N THR A 51 4.01 0.29 -21.68
CA THR A 51 2.80 0.84 -22.26
C THR A 51 1.70 1.11 -21.21
N GLU A 52 2.01 0.93 -19.93
CA GLU A 52 1.09 1.14 -18.81
C GLU A 52 -0.02 0.09 -18.79
N ALA A 53 0.27 -1.09 -19.38
CA ALA A 53 -0.72 -2.15 -19.37
C ALA A 53 -1.06 -2.59 -17.92
N SER A 54 -0.06 -2.71 -17.06
CA SER A 54 -0.28 -3.24 -15.70
C SER A 54 -1.01 -2.17 -14.86
N LEU A 55 -0.65 -0.90 -15.08
CA LEU A 55 -1.31 0.26 -14.44
C LEU A 55 -2.82 0.23 -14.71
N VAL A 56 -3.18 0.09 -15.99
CA VAL A 56 -4.57 0.08 -16.38
C VAL A 56 -5.25 -1.19 -15.87
N ALA A 57 -4.50 -2.34 -15.92
CA ALA A 57 -5.09 -3.61 -15.53
C ALA A 57 -5.43 -3.59 -14.03
N ASN A 58 -4.69 -2.85 -13.21
CA ASN A 58 -5.02 -2.75 -11.79
C ASN A 58 -6.48 -2.24 -11.65
N ARG A 59 -6.83 -1.23 -12.45
CA ARG A 59 -8.17 -0.68 -12.39
C ARG A 59 -9.21 -1.62 -12.98
N THR A 60 -8.95 -2.13 -14.18
N THR A 60 -8.94 -2.16 -14.16
CA THR A 60 -9.85 -3.06 -14.88
CA THR A 60 -9.93 -3.00 -14.85
C THR A 60 -10.19 -4.25 -13.99
C THR A 60 -10.18 -4.29 -14.07
N ALA A 61 -9.17 -4.80 -13.33
CA ALA A 61 -9.34 -5.98 -12.53
C ALA A 61 -10.31 -5.72 -11.37
N LEU A 62 -10.24 -4.55 -10.73
CA LEU A 62 -11.16 -4.23 -9.67
C LEU A 62 -12.56 -3.97 -10.21
N GLU A 63 -12.65 -3.33 -11.37
CA GLU A 63 -13.98 -3.02 -11.95
C GLU A 63 -14.78 -4.28 -12.28
N ARG A 64 -14.10 -5.37 -12.58
CA ARG A 64 -14.76 -6.59 -12.99
C ARG A 64 -15.28 -7.39 -11.78
N VAL A 65 -14.88 -7.01 -10.57
CA VAL A 65 -15.27 -7.73 -9.35
C VAL A 65 -16.59 -7.16 -8.85
N PHE A 66 -17.58 -8.01 -8.63
CA PHE A 66 -18.83 -7.59 -8.04
C PHE A 66 -18.97 -8.33 -6.74
N VAL A 67 -19.52 -7.66 -5.72
CA VAL A 67 -19.74 -8.23 -4.41
C VAL A 67 -21.17 -8.76 -4.32
N ILE A 68 -21.31 -9.88 -3.64
CA ILE A 68 -22.61 -10.45 -3.31
C ILE A 68 -22.93 -10.08 -1.89
N PRO A 69 -23.72 -9.00 -1.65
CA PRO A 69 -23.96 -8.55 -0.28
C PRO A 69 -24.89 -9.46 0.48
N ARG A 70 -24.78 -9.49 1.79
CA ARG A 70 -25.69 -10.18 2.62
C ARG A 70 -26.64 -9.18 3.29
N MET A 71 -27.84 -9.64 3.56
CA MET A 71 -28.88 -8.75 4.09
C MET A 71 -29.30 -9.22 5.47
N LEU A 72 -29.89 -8.25 6.21
CA LEU A 72 -30.71 -8.51 7.42
C LEU A 72 -29.84 -9.05 8.56
N ARG A 73 -28.54 -8.71 8.53
CA ARG A 73 -27.67 -9.06 9.66
CA ARG A 73 -27.60 -9.02 9.62
C ARG A 73 -27.65 -7.90 10.67
N ASP A 74 -27.23 -8.19 11.88
CA ASP A 74 -27.11 -7.16 12.95
C ASP A 74 -25.95 -6.21 12.66
N LEU A 75 -26.27 -4.93 12.52
CA LEU A 75 -25.27 -3.88 12.28
C LEU A 75 -25.27 -2.89 13.44
N THR A 76 -25.49 -3.34 14.68
N THR A 76 -25.54 -3.36 14.66
CA THR A 76 -25.63 -2.37 15.81
CA THR A 76 -25.61 -2.44 15.81
C THR A 76 -24.27 -1.93 16.35
C THR A 76 -24.26 -1.72 15.95
N ASP A 77 -23.18 -2.51 15.84
CA ASP A 77 -21.82 -2.00 16.12
C ASP A 77 -20.93 -2.28 14.91
N VAL A 78 -21.18 -1.64 13.76
CA VAL A 78 -20.27 -1.86 12.62
C VAL A 78 -18.90 -1.30 13.04
N THR A 79 -17.82 -2.11 12.89
CA THR A 79 -16.48 -1.62 13.12
C THR A 79 -15.61 -1.90 11.89
N THR A 80 -14.82 -0.90 11.50
CA THR A 80 -13.86 -1.05 10.42
C THR A 80 -12.47 -1.38 10.93
N GLU A 81 -12.30 -1.59 12.25
CA GLU A 81 -10.98 -1.80 12.80
C GLU A 81 -10.46 -3.19 12.48
N ILE A 82 -9.14 -3.30 12.44
CA ILE A 82 -8.50 -4.57 12.37
C ILE A 82 -7.32 -4.54 13.35
N ASP A 83 -6.81 -5.72 13.65
CA ASP A 83 -5.55 -5.90 14.34
C ASP A 83 -4.55 -6.44 13.34
N ILE A 84 -3.43 -5.76 13.20
CA ILE A 84 -2.47 -6.21 12.27
C ILE A 84 -1.08 -5.91 12.81
N PHE A 85 -0.20 -6.92 12.71
CA PHE A 85 1.25 -6.75 13.10
C PHE A 85 1.33 -6.15 14.50
N GLY A 86 0.41 -6.58 15.36
CA GLY A 86 0.36 -6.30 16.78
C GLY A 86 -0.35 -5.01 17.15
N ARG A 87 -0.92 -4.28 16.19
CA ARG A 87 -1.49 -2.97 16.47
C ARG A 87 -2.93 -2.97 15.96
N ARG A 88 -3.79 -2.23 16.63
CA ARG A 88 -5.10 -1.94 16.13
C ARG A 88 -4.97 -0.85 15.06
N ALA A 89 -5.65 -1.01 13.91
CA ALA A 89 -5.72 0.02 12.94
C ALA A 89 -7.18 0.40 12.75
N ALA A 90 -7.46 1.67 12.38
CA ALA A 90 -8.83 2.18 12.33
C ALA A 90 -9.62 1.63 11.14
N LEU A 91 -8.88 1.27 10.07
CA LEU A 91 -9.43 0.83 8.79
C LEU A 91 -8.53 -0.32 8.33
N PRO A 92 -9.00 -1.22 7.45
CA PRO A 92 -8.12 -2.23 6.86
C PRO A 92 -7.33 -1.60 5.70
N MET A 93 -6.49 -0.67 6.04
CA MET A 93 -5.81 0.19 5.07
CA MET A 93 -5.75 0.11 5.04
C MET A 93 -4.54 0.77 5.70
N ALA A 94 -3.48 0.91 4.91
CA ALA A 94 -2.29 1.64 5.29
C ALA A 94 -1.90 2.52 4.09
N VAL A 95 -1.14 3.58 4.35
CA VAL A 95 -0.57 4.39 3.31
C VAL A 95 0.64 3.68 2.68
N ALA A 96 0.60 3.47 1.35
CA ALA A 96 1.63 2.75 0.70
C ALA A 96 2.95 3.54 0.76
N PRO A 97 4.09 2.85 0.68
CA PRO A 97 5.38 3.52 0.53
C PRO A 97 5.46 4.19 -0.84
N VAL A 98 5.49 5.52 -0.88
CA VAL A 98 5.71 6.32 -2.07
C VAL A 98 6.92 7.23 -1.82
N ALA A 99 7.95 7.09 -2.64
CA ALA A 99 9.22 7.82 -2.43
C ALA A 99 9.03 9.34 -2.61
N TYR A 100 9.91 10.10 -1.96
CA TYR A 100 10.12 11.56 -2.30
C TYR A 100 8.86 12.42 -2.20
N GLN A 101 8.17 12.38 -1.05
CA GLN A 101 6.87 13.00 -1.02
C GLN A 101 6.96 14.56 -0.99
N ARG A 102 8.13 15.10 -0.70
CA ARG A 102 8.30 16.58 -0.87
C ARG A 102 8.17 16.99 -2.34
N LEU A 103 8.19 16.03 -3.27
CA LEU A 103 7.89 16.39 -4.63
C LEU A 103 6.51 16.97 -4.74
N PHE A 104 5.59 16.55 -3.87
CA PHE A 104 4.18 16.86 -4.05
C PHE A 104 3.70 18.04 -3.18
N HIS A 105 4.37 18.26 -2.07
CA HIS A 105 4.00 19.29 -1.09
C HIS A 105 5.22 19.57 -0.26
N PRO A 106 5.46 20.83 0.19
CA PRO A 106 6.64 21.10 0.99
C PRO A 106 6.79 20.37 2.33
N GLU A 107 5.68 19.99 2.97
CA GLU A 107 5.77 19.26 4.21
C GLU A 107 5.98 17.76 3.96
N GLY A 108 5.74 17.37 2.72
CA GLY A 108 6.04 15.97 2.27
C GLY A 108 5.56 14.94 3.27
N GLU A 109 6.47 14.03 3.62
CA GLU A 109 6.13 12.88 4.47
C GLU A 109 5.57 13.28 5.82
N LEU A 110 5.99 14.45 6.38
CA LEU A 110 5.46 14.75 7.72
C LEU A 110 3.99 15.08 7.64
N ALA A 111 3.52 15.74 6.59
CA ALA A 111 2.10 16.03 6.40
C ALA A 111 1.27 14.71 6.31
N VAL A 112 1.80 13.82 5.49
CA VAL A 112 1.06 12.54 5.36
C VAL A 112 1.04 11.74 6.65
N ALA A 113 2.19 11.58 7.32
CA ALA A 113 2.29 10.81 8.51
C ALA A 113 1.39 11.38 9.62
N ARG A 114 1.35 12.72 9.74
CA ARG A 114 0.50 13.32 10.75
C ARG A 114 -1.00 12.97 10.51
N ALA A 115 -1.46 13.13 9.29
CA ALA A 115 -2.85 12.80 8.91
C ALA A 115 -3.14 11.32 9.17
N ALA A 116 -2.17 10.48 8.80
CA ALA A 116 -2.34 9.02 8.99
C ALA A 116 -2.45 8.69 10.46
N ARG A 117 -1.54 9.27 11.29
CA ARG A 117 -1.60 9.07 12.71
C ARG A 117 -2.97 9.44 13.25
N ASP A 118 -3.45 10.62 12.82
CA ASP A 118 -4.70 11.20 13.40
C ASP A 118 -5.89 10.33 12.98
N ALA A 119 -5.77 9.68 11.82
CA ALA A 119 -6.84 8.78 11.28
C ALA A 119 -6.72 7.35 11.80
N GLY A 120 -5.63 7.00 12.48
CA GLY A 120 -5.42 5.73 13.03
C GLY A 120 -5.02 4.73 11.93
N VAL A 121 -4.42 5.21 10.88
CA VAL A 121 -4.02 4.42 9.66
CA VAL A 121 -4.01 4.23 9.87
C VAL A 121 -2.51 4.24 9.71
N PRO A 122 -1.91 3.03 9.56
CA PRO A 122 -0.47 2.94 9.44
C PRO A 122 0.07 3.72 8.26
N TYR A 123 1.26 4.34 8.43
CA TYR A 123 1.94 5.03 7.44
C TYR A 123 3.25 4.29 7.13
N THR A 124 3.53 4.00 5.86
CA THR A 124 4.79 3.33 5.54
C THR A 124 5.86 4.36 5.13
N ILE A 125 6.89 4.44 5.97
CA ILE A 125 8.10 5.28 5.69
C ILE A 125 8.98 4.59 4.64
N CYS A 126 9.33 5.34 3.61
CA CYS A 126 10.14 4.84 2.53
CA CYS A 126 10.11 4.89 2.45
C CYS A 126 11.61 4.95 2.78
N THR A 127 12.34 3.93 2.29
CA THR A 127 13.79 4.03 2.27
C THR A 127 14.20 5.34 1.58
N LEU A 128 13.52 5.72 0.51
CA LEU A 128 13.82 6.93 -0.28
C LEU A 128 12.94 8.11 0.18
N SER A 129 12.70 8.18 1.47
CA SER A 129 11.88 9.31 1.99
C SER A 129 12.69 10.62 1.81
N SER A 130 11.99 11.71 1.59
CA SER A 130 12.59 13.07 1.45
C SER A 130 12.66 13.78 2.79
N VAL A 131 12.23 13.11 3.86
CA VAL A 131 12.47 13.51 5.25
C VAL A 131 12.96 12.28 5.94
N SER A 132 13.86 12.41 6.91
CA SER A 132 14.49 11.30 7.55
C SER A 132 13.48 10.43 8.31
N LEU A 133 13.74 9.12 8.34
CA LEU A 133 12.83 8.18 8.97
C LEU A 133 12.65 8.50 10.45
N GLU A 134 13.68 9.06 11.10
CA GLU A 134 13.56 9.36 12.49
C GLU A 134 12.58 10.52 12.71
N GLU A 135 12.66 11.55 11.88
CA GLU A 135 11.71 12.67 11.98
C GLU A 135 10.29 12.22 11.68
N ILE A 136 10.12 11.34 10.66
CA ILE A 136 8.79 10.86 10.41
C ILE A 136 8.29 10.03 11.56
N ALA A 137 9.09 9.14 12.17
CA ALA A 137 8.65 8.33 13.22
C ALA A 137 8.26 9.14 14.45
N ALA A 138 8.97 10.26 14.60
CA ALA A 138 8.70 11.17 15.77
C ALA A 138 7.28 11.73 15.71
N VAL A 139 6.65 11.77 14.53
CA VAL A 139 5.30 12.20 14.41
C VAL A 139 4.39 11.34 15.30
N GLY A 140 4.77 10.09 15.49
CA GLY A 140 4.04 9.12 16.27
C GLY A 140 3.21 8.20 15.34
N GLY A 141 2.10 7.69 15.83
CA GLY A 141 1.23 6.89 14.92
C GLY A 141 1.76 5.49 14.66
N ARG A 142 2.67 5.00 15.46
CA ARG A 142 3.37 3.66 15.15
C ARG A 142 3.45 3.31 13.63
N PRO A 143 4.39 3.93 12.90
CA PRO A 143 4.66 3.72 11.47
C PRO A 143 5.36 2.39 11.10
N TRP A 144 5.28 2.04 9.83
CA TRP A 144 6.03 0.90 9.26
C TRP A 144 7.21 1.45 8.48
N PHE A 145 8.21 0.62 8.15
CA PHE A 145 9.33 1.08 7.38
C PHE A 145 9.51 0.17 6.14
N GLN A 146 9.54 0.76 4.96
CA GLN A 146 9.78 0.05 3.71
C GLN A 146 11.28 0.02 3.45
N LEU A 147 11.81 -1.16 3.20
CA LEU A 147 13.22 -1.42 2.92
C LEU A 147 13.46 -1.69 1.47
N TYR A 148 14.44 -1.04 0.90
CA TYR A 148 15.08 -1.42 -0.33
C TYR A 148 16.45 -1.97 -0.01
N TRP A 149 16.78 -3.11 -0.60
CA TRP A 149 18.05 -3.72 -0.38
C TRP A 149 19.15 -2.90 -1.06
N LEU A 150 20.20 -2.65 -0.27
CA LEU A 150 21.34 -1.82 -0.68
C LEU A 150 22.44 -2.78 -1.15
N ARG A 151 23.32 -2.27 -2.02
CA ARG A 151 24.55 -2.95 -2.40
C ARG A 151 25.23 -3.62 -1.20
N ASP A 152 25.15 -3.15 0.06
CA ASP A 152 25.82 -4.00 1.07
C ASP A 152 24.89 -4.43 2.21
N GLU A 153 24.79 -5.75 2.42
CA GLU A 153 24.05 -6.33 3.50
C GLU A 153 24.12 -5.35 4.70
N LYS A 154 25.33 -5.00 5.19
CA LYS A 154 25.43 -4.19 6.44
C LYS A 154 24.74 -2.82 6.31
N ARG A 155 24.75 -2.14 5.17
CA ARG A 155 24.04 -0.89 5.17
C ARG A 155 22.51 -1.16 5.26
N SER A 156 22.05 -2.26 4.64
CA SER A 156 20.62 -2.62 4.61
CA SER A 156 20.61 -2.48 4.63
C SER A 156 20.14 -2.82 6.05
N LEU A 157 20.89 -3.64 6.76
CA LEU A 157 20.57 -4.03 8.07
C LEU A 157 20.66 -2.82 9.03
N ASP A 158 21.50 -1.80 8.72
CA ASP A 158 21.55 -0.55 9.48
C ASP A 158 20.24 0.22 9.35
N LEU A 159 19.66 0.32 8.13
CA LEU A 159 18.41 0.91 7.94
C LEU A 159 17.40 0.18 8.79
N VAL A 160 17.42 -1.16 8.77
CA VAL A 160 16.43 -1.89 9.52
C VAL A 160 16.52 -1.51 10.99
N ARG A 161 17.75 -1.57 11.54
CA ARG A 161 17.94 -1.29 12.95
C ARG A 161 17.54 0.15 13.26
N ARG A 162 17.89 1.12 12.42
CA ARG A 162 17.48 2.46 12.64
C ARG A 162 15.97 2.51 12.75
N ALA A 163 15.28 1.79 11.82
CA ALA A 163 13.82 1.91 11.78
C ALA A 163 13.26 1.39 13.09
N GLU A 164 13.77 0.24 13.54
CA GLU A 164 13.31 -0.37 14.68
C GLU A 164 13.57 0.54 15.91
N ASP A 165 14.80 1.06 15.97
CA ASP A 165 15.20 1.93 17.13
C ASP A 165 14.28 3.15 17.20
N ALA A 166 13.81 3.62 16.04
CA ALA A 166 12.90 4.80 15.98
C ALA A 166 11.42 4.48 16.28
N GLY A 167 11.07 3.19 16.44
CA GLY A 167 9.74 2.73 16.85
C GLY A 167 8.86 2.30 15.67
N CYS A 168 9.51 1.99 14.55
CA CYS A 168 8.70 1.41 13.41
C CYS A 168 8.26 0.02 13.86
N GLU A 169 7.09 -0.45 13.40
CA GLU A 169 6.47 -1.65 13.94
C GLU A 169 6.48 -2.83 12.95
N ALA A 170 6.92 -2.56 11.75
CA ALA A 170 7.04 -3.63 10.70
C ALA A 170 8.03 -3.20 9.65
N ILE A 171 8.72 -4.17 9.01
CA ILE A 171 9.58 -3.89 7.94
C ILE A 171 8.89 -4.39 6.66
N VAL A 172 8.61 -3.48 5.76
CA VAL A 172 7.99 -3.80 4.49
C VAL A 172 9.13 -3.91 3.52
N PHE A 173 9.56 -5.16 3.24
CA PHE A 173 10.68 -5.35 2.32
C PHE A 173 10.18 -5.40 0.90
N THR A 174 10.53 -4.44 0.09
CA THR A 174 10.10 -4.44 -1.28
C THR A 174 10.99 -5.44 -2.04
N VAL A 175 10.32 -6.42 -2.68
CA VAL A 175 11.07 -7.55 -3.25
C VAL A 175 10.87 -7.60 -4.76
N ASP A 176 10.23 -6.61 -5.36
CA ASP A 176 9.87 -6.60 -6.79
C ASP A 176 10.71 -5.56 -7.53
N VAL A 177 11.80 -5.13 -6.88
CA VAL A 177 12.61 -4.04 -7.42
C VAL A 177 14.07 -4.46 -7.38
N PRO A 178 14.49 -5.46 -8.19
CA PRO A 178 15.92 -5.73 -8.37
C PRO A 178 16.60 -4.46 -8.89
N TRP A 179 15.84 -3.68 -9.67
CA TRP A 179 16.15 -2.37 -10.19
C TRP A 179 14.82 -1.73 -10.55
N MET A 180 14.81 -0.40 -10.80
CA MET A 180 13.58 0.33 -11.12
C MET A 180 13.12 0.01 -12.56
N GLY A 181 11.80 -0.14 -12.74
CA GLY A 181 11.20 -0.30 -14.06
C GLY A 181 11.49 0.87 -15.00
N ARG A 182 11.18 0.66 -16.29
CA ARG A 182 11.35 1.66 -17.39
C ARG A 182 10.06 2.49 -17.56
N ARG A 183 10.10 3.72 -17.00
CA ARG A 183 8.95 4.63 -17.01
CA ARG A 183 8.98 4.66 -16.97
C ARG A 183 9.12 5.62 -18.16
N LEU A 184 8.35 5.38 -19.23
CA LEU A 184 8.52 6.14 -20.48
C LEU A 184 8.05 7.59 -20.29
N ARG A 185 7.10 7.85 -19.37
CA ARG A 185 6.75 9.27 -19.15
C ARG A 185 8.01 10.02 -18.72
N ASP A 186 8.75 9.44 -17.77
CA ASP A 186 9.90 10.08 -17.10
C ASP A 186 11.07 10.23 -18.09
N MET A 187 11.23 9.23 -18.95
CA MET A 187 12.19 9.30 -20.06
C MET A 187 11.77 10.40 -21.07
N ARG A 188 10.51 10.41 -21.51
CA ARG A 188 10.06 11.41 -22.51
CA ARG A 188 9.96 11.41 -22.47
C ARG A 188 10.16 12.84 -21.93
N ASN A 189 9.91 13.01 -20.63
CA ASN A 189 9.99 14.30 -19.94
C ASN A 189 11.43 14.67 -19.58
N GLY A 190 12.35 13.70 -19.66
CA GLY A 190 13.67 13.77 -19.03
C GLY A 190 13.56 14.20 -17.57
N PHE A 191 12.71 13.51 -16.80
CA PHE A 191 12.42 13.87 -15.42
C PHE A 191 13.59 13.54 -14.51
N ALA A 192 13.88 14.42 -13.56
CA ALA A 192 14.91 14.16 -12.55
C ALA A 192 14.50 14.87 -11.26
N LEU A 193 15.00 14.37 -10.12
CA LEU A 193 14.67 15.00 -8.87
C LEU A 193 15.13 16.44 -8.95
N PRO A 194 14.30 17.43 -8.55
CA PRO A 194 14.78 18.78 -8.33
C PRO A 194 15.83 18.73 -7.22
N GLU A 195 16.72 19.72 -7.19
CA GLU A 195 17.84 19.70 -6.27
C GLU A 195 17.32 19.85 -4.84
N TRP A 196 16.10 20.40 -4.63
CA TRP A 196 15.56 20.64 -3.27
C TRP A 196 14.90 19.38 -2.65
N VAL A 197 14.87 18.25 -3.39
CA VAL A 197 14.37 16.97 -2.87
C VAL A 197 15.55 16.01 -2.81
N THR A 198 15.80 15.41 -1.64
CA THR A 198 16.88 14.46 -1.51
C THR A 198 16.38 13.20 -0.79
N ALA A 199 17.21 12.16 -0.89
CA ALA A 199 17.02 10.92 -0.14
C ALA A 199 17.58 11.11 1.27
N ALA A 200 16.70 11.55 2.19
CA ALA A 200 17.07 12.07 3.47
C ALA A 200 17.61 11.01 4.43
N ASN A 201 17.39 9.70 4.14
CA ASN A 201 17.91 8.67 4.97
C ASN A 201 19.40 8.40 4.71
N PHE A 202 19.95 9.02 3.68
CA PHE A 202 21.38 8.83 3.25
C PHE A 202 22.19 10.13 3.43
N ASP A 203 23.46 10.01 3.80
CA ASP A 203 24.39 11.20 3.97
C ASP A 203 25.49 11.16 2.90
N PHE A 226 22.05 0.27 -4.69
CA PHE A 226 20.98 -0.69 -4.54
C PHE A 226 21.26 -2.00 -5.30
N ALA A 227 21.02 -3.13 -4.63
CA ALA A 227 21.26 -4.43 -5.18
C ALA A 227 19.98 -5.26 -5.20
N PRO A 228 19.92 -6.26 -6.10
CA PRO A 228 18.81 -7.21 -6.11
C PRO A 228 18.69 -7.99 -4.78
N ALA A 229 17.51 -7.96 -4.17
CA ALA A 229 17.29 -8.78 -3.00
C ALA A 229 17.03 -10.23 -3.46
N THR A 230 17.40 -11.19 -2.60
CA THR A 230 17.15 -12.61 -2.71
C THR A 230 16.48 -13.15 -1.42
N TRP A 231 16.14 -14.44 -1.41
CA TRP A 231 15.66 -15.11 -0.25
C TRP A 231 16.68 -15.09 0.90
N GLU A 232 17.98 -15.07 0.56
CA GLU A 232 19.00 -14.95 1.59
CA GLU A 232 19.05 -14.91 1.52
C GLU A 232 18.92 -13.57 2.27
N SER A 233 18.60 -12.54 1.50
CA SER A 233 18.44 -11.15 2.01
C SER A 233 17.28 -11.12 3.02
N VAL A 234 16.19 -11.78 2.62
CA VAL A 234 15.04 -11.93 3.51
C VAL A 234 15.45 -12.54 4.83
N GLU A 235 16.18 -13.66 4.78
CA GLU A 235 16.64 -14.33 5.97
C GLU A 235 17.51 -13.40 6.82
N ALA A 236 18.33 -12.60 6.18
CA ALA A 236 19.28 -11.72 6.87
C ALA A 236 18.46 -10.69 7.65
N VAL A 237 17.41 -10.19 6.99
CA VAL A 237 16.52 -9.25 7.66
C VAL A 237 15.80 -9.91 8.81
N ARG A 238 15.20 -11.10 8.60
CA ARG A 238 14.42 -11.82 9.59
C ARG A 238 15.29 -12.08 10.83
N ALA A 239 16.59 -12.37 10.64
CA ALA A 239 17.46 -12.68 11.76
C ALA A 239 17.85 -11.43 12.54
N HIS A 240 17.76 -10.26 11.91
CA HIS A 240 18.24 -9.03 12.46
C HIS A 240 17.18 -8.26 13.30
N THR A 241 15.91 -8.64 13.19
CA THR A 241 14.86 -7.88 13.84
C THR A 241 13.84 -8.89 14.32
N ASP A 242 13.17 -8.57 15.41
CA ASP A 242 12.03 -9.30 15.81
C ASP A 242 10.75 -8.60 15.27
N LEU A 243 10.89 -7.51 14.51
CA LEU A 243 9.66 -6.92 13.94
C LEU A 243 9.14 -7.84 12.85
N PRO A 244 7.83 -7.82 12.57
CA PRO A 244 7.28 -8.58 11.46
C PRO A 244 7.89 -8.08 10.16
N VAL A 245 8.31 -9.00 9.27
CA VAL A 245 8.81 -8.72 8.00
C VAL A 245 7.69 -9.02 6.98
N VAL A 246 7.38 -8.04 6.16
CA VAL A 246 6.30 -8.09 5.20
C VAL A 246 6.91 -7.98 3.82
N LEU A 247 6.71 -9.00 2.93
CA LEU A 247 7.32 -8.94 1.67
C LEU A 247 6.35 -8.32 0.67
N LYS A 248 6.75 -7.22 0.04
CA LYS A 248 5.90 -6.44 -0.79
C LYS A 248 6.31 -6.65 -2.24
N GLY A 249 5.31 -7.07 -3.05
CA GLY A 249 5.52 -7.26 -4.47
C GLY A 249 5.49 -8.75 -4.85
N ILE A 250 4.81 -9.57 -4.06
CA ILE A 250 4.63 -11.01 -4.35
C ILE A 250 3.43 -11.14 -5.27
N LEU A 251 3.61 -11.91 -6.38
CA LEU A 251 2.48 -12.20 -7.27
C LEU A 251 2.32 -13.71 -7.53
N ALA A 252 3.41 -14.45 -7.46
CA ALA A 252 3.31 -15.93 -7.72
C ALA A 252 2.87 -16.65 -6.45
N VAL A 253 1.97 -17.61 -6.60
CA VAL A 253 1.50 -18.40 -5.51
C VAL A 253 2.61 -19.08 -4.76
N GLU A 254 3.61 -19.67 -5.47
CA GLU A 254 4.64 -20.37 -4.73
CA GLU A 254 4.72 -20.34 -4.91
C GLU A 254 5.58 -19.37 -4.06
N ASP A 255 5.66 -18.12 -4.54
CA ASP A 255 6.40 -17.11 -3.79
C ASP A 255 5.66 -16.77 -2.48
N ALA A 256 4.34 -16.71 -2.49
CA ALA A 256 3.56 -16.48 -1.26
C ALA A 256 3.85 -17.57 -0.26
N ARG A 257 3.77 -18.85 -0.73
CA ARG A 257 4.04 -19.97 0.07
CA ARG A 257 3.97 -19.94 0.15
C ARG A 257 5.42 -19.91 0.68
N ARG A 258 6.43 -19.59 -0.14
CA ARG A 258 7.77 -19.52 0.32
C ARG A 258 7.99 -18.38 1.33
N ALA A 259 7.24 -17.28 1.14
CA ALA A 259 7.30 -16.17 2.11
C ALA A 259 6.89 -16.68 3.48
N VAL A 260 5.84 -17.49 3.56
CA VAL A 260 5.42 -18.02 4.82
C VAL A 260 6.54 -18.87 5.42
N ASP A 261 7.04 -19.76 4.55
CA ASP A 261 8.09 -20.71 4.95
C ASP A 261 9.29 -19.96 5.47
N ALA A 262 9.57 -18.79 4.90
CA ALA A 262 10.66 -17.91 5.23
C ALA A 262 10.46 -17.12 6.53
N GLY A 263 9.31 -17.20 7.16
CA GLY A 263 8.99 -16.55 8.40
C GLY A 263 8.44 -15.11 8.23
N ALA A 264 8.00 -14.74 7.02
CA ALA A 264 7.34 -13.45 6.82
C ALA A 264 6.09 -13.40 7.67
N GLY A 265 5.83 -12.24 8.27
CA GLY A 265 4.59 -12.00 8.94
C GLY A 265 3.47 -11.52 8.04
N GLY A 266 3.84 -11.12 6.84
CA GLY A 266 2.86 -10.70 5.86
C GLY A 266 3.47 -10.64 4.49
N ILE A 267 2.60 -10.49 3.48
CA ILE A 267 3.00 -10.15 2.15
C ILE A 267 2.07 -9.09 1.61
N VAL A 268 2.53 -8.35 0.64
CA VAL A 268 1.69 -7.42 -0.14
C VAL A 268 1.67 -7.87 -1.59
N VAL A 269 0.50 -8.33 -2.00
CA VAL A 269 0.29 -8.83 -3.33
C VAL A 269 0.09 -7.60 -4.21
N SER A 270 1.06 -7.36 -5.13
CA SER A 270 1.27 -6.07 -5.68
C SER A 270 2.13 -6.15 -6.95
N ASN A 271 1.82 -5.33 -7.92
CA ASN A 271 2.69 -5.13 -9.10
C ASN A 271 3.29 -3.73 -9.07
N HIS A 272 3.42 -3.16 -7.86
CA HIS A 272 4.10 -1.89 -7.63
C HIS A 272 3.40 -0.76 -8.37
N GLY A 273 2.07 -0.83 -8.41
CA GLY A 273 1.27 0.15 -9.05
C GLY A 273 1.51 0.26 -10.53
N GLY A 274 1.92 -0.86 -11.16
CA GLY A 274 2.13 -0.88 -12.60
C GLY A 274 3.44 -0.21 -12.99
N ARG A 275 4.37 -0.12 -12.07
CA ARG A 275 5.61 0.71 -12.28
C ARG A 275 6.83 -0.17 -12.44
N GLN A 276 6.66 -1.51 -12.34
CA GLN A 276 7.81 -2.41 -12.41
C GLN A 276 7.67 -3.17 -13.71
N LEU A 277 7.36 -4.47 -13.62
CA LEU A 277 7.18 -5.19 -14.93
C LEU A 277 5.89 -4.78 -15.61
N ASP A 278 5.98 -4.25 -16.83
CA ASP A 278 4.80 -3.96 -17.61
C ASP A 278 4.31 -5.29 -18.23
N GLY A 279 3.06 -5.62 -17.91
CA GLY A 279 2.49 -6.94 -18.21
C GLY A 279 2.48 -7.86 -17.00
N ALA A 280 2.95 -7.43 -15.86
CA ALA A 280 2.74 -8.20 -14.63
C ALA A 280 1.26 -8.18 -14.31
N VAL A 281 0.75 -9.35 -13.94
CA VAL A 281 -0.63 -9.50 -13.47
C VAL A 281 -0.91 -8.54 -12.31
N PRO A 282 -2.14 -8.00 -12.24
CA PRO A 282 -2.52 -7.24 -11.06
C PRO A 282 -2.59 -8.12 -9.84
N GLY A 283 -2.24 -7.53 -8.70
CA GLY A 283 -2.32 -8.28 -7.47
C GLY A 283 -3.72 -8.79 -7.19
N ILE A 284 -4.76 -7.97 -7.48
CA ILE A 284 -6.09 -8.36 -7.20
CA ILE A 284 -6.13 -8.35 -7.21
C ILE A 284 -6.49 -9.64 -7.96
N GLU A 285 -5.85 -9.90 -9.10
CA GLU A 285 -6.15 -11.12 -9.86
C GLU A 285 -5.49 -12.34 -9.24
N MET A 286 -4.42 -12.19 -8.44
CA MET A 286 -3.75 -13.29 -7.81
C MET A 286 -4.22 -13.51 -6.37
N LEU A 287 -4.93 -12.53 -5.80
CA LEU A 287 -5.12 -12.48 -4.35
C LEU A 287 -5.84 -13.71 -3.83
N GLY A 288 -6.94 -14.11 -4.47
CA GLY A 288 -7.78 -15.22 -3.98
C GLY A 288 -6.95 -16.49 -3.89
N GLU A 289 -6.19 -16.76 -4.96
CA GLU A 289 -5.35 -17.95 -5.02
CA GLU A 289 -5.32 -17.97 -5.05
C GLU A 289 -4.25 -17.93 -3.95
N ILE A 290 -3.66 -16.76 -3.74
CA ILE A 290 -2.62 -16.57 -2.75
C ILE A 290 -3.18 -16.77 -1.34
N VAL A 291 -4.36 -16.18 -1.08
CA VAL A 291 -4.95 -16.35 0.26
C VAL A 291 -5.22 -17.80 0.56
N ALA A 292 -5.71 -18.56 -0.44
CA ALA A 292 -5.96 -19.94 -0.25
C ALA A 292 -4.67 -20.70 0.05
N ALA A 293 -3.63 -20.39 -0.69
CA ALA A 293 -2.34 -21.11 -0.56
C ALA A 293 -1.65 -20.87 0.79
N VAL A 294 -1.72 -19.66 1.32
N VAL A 294 -1.84 -19.65 1.30
CA VAL A 294 -1.01 -19.41 2.55
CA VAL A 294 -1.28 -19.19 2.55
C VAL A 294 -1.80 -19.93 3.77
C VAL A 294 -2.01 -19.87 3.74
N SER A 295 -3.11 -20.05 3.58
N SER A 295 -3.30 -20.19 3.64
CA SER A 295 -4.05 -20.65 4.51
CA SER A 295 -3.95 -20.94 4.71
C SER A 295 -3.74 -20.20 5.95
C SER A 295 -3.79 -20.22 6.06
N GLY A 296 -3.85 -18.90 6.08
CA GLY A 296 -3.71 -18.14 7.31
C GLY A 296 -2.32 -18.04 7.89
N GLY A 297 -1.28 -18.49 7.17
CA GLY A 297 0.07 -18.52 7.64
C GLY A 297 0.73 -17.15 7.77
N CYS A 298 0.22 -16.12 7.09
CA CYS A 298 0.70 -14.71 7.23
C CYS A 298 -0.48 -13.81 6.80
N GLU A 299 -0.39 -12.51 7.12
CA GLU A 299 -1.32 -11.55 6.65
C GLU A 299 -1.10 -11.36 5.15
N VAL A 300 -2.19 -11.20 4.42
CA VAL A 300 -2.09 -11.01 2.98
C VAL A 300 -2.73 -9.70 2.60
N LEU A 301 -1.90 -8.69 2.29
CA LEU A 301 -2.36 -7.41 1.88
C LEU A 301 -2.35 -7.34 0.35
N VAL A 302 -3.08 -6.38 -0.18
CA VAL A 302 -3.08 -6.13 -1.64
C VAL A 302 -3.01 -4.65 -1.90
N ASP A 303 -2.49 -4.29 -3.07
CA ASP A 303 -2.57 -2.91 -3.50
C ASP A 303 -2.65 -2.83 -5.02
N GLY A 304 -2.84 -1.62 -5.49
CA GLY A 304 -2.96 -1.30 -6.88
C GLY A 304 -4.37 -0.92 -7.24
N GLY A 305 -4.59 0.38 -7.50
CA GLY A 305 -5.88 0.89 -7.97
C GLY A 305 -6.98 1.01 -6.96
N ILE A 306 -6.70 0.91 -5.63
CA ILE A 306 -7.76 1.06 -4.67
C ILE A 306 -8.17 2.55 -4.64
N ARG A 307 -9.41 2.84 -4.95
CA ARG A 307 -9.86 4.25 -5.16
C ARG A 307 -11.18 4.55 -4.43
N SER A 308 -11.69 3.66 -3.56
CA SER A 308 -12.92 3.87 -2.85
C SER A 308 -12.99 2.85 -1.73
N GLY A 309 -13.91 3.08 -0.80
CA GLY A 309 -14.30 2.14 0.20
C GLY A 309 -14.88 0.86 -0.43
N GLY A 310 -15.61 1.01 -1.56
CA GLY A 310 -16.08 -0.15 -2.26
C GLY A 310 -14.95 -1.06 -2.76
N ASP A 311 -13.87 -0.45 -3.22
CA ASP A 311 -12.69 -1.21 -3.68
C ASP A 311 -12.10 -1.95 -2.48
N VAL A 312 -11.99 -1.25 -1.34
CA VAL A 312 -11.52 -1.89 -0.11
C VAL A 312 -12.36 -3.11 0.19
N LEU A 313 -13.68 -2.97 0.08
CA LEU A 313 -14.59 -4.06 0.32
C LEU A 313 -14.32 -5.22 -0.64
N LYS A 314 -14.12 -4.91 -1.91
CA LYS A 314 -13.82 -5.97 -2.87
C LYS A 314 -12.56 -6.72 -2.47
N ALA A 315 -11.48 -5.97 -2.18
CA ALA A 315 -10.19 -6.60 -1.78
C ALA A 315 -10.42 -7.49 -0.56
N THR A 316 -11.18 -7.02 0.45
CA THR A 316 -11.50 -7.78 1.63
CA THR A 316 -11.40 -7.85 1.63
C THR A 316 -12.24 -9.08 1.28
N ALA A 317 -13.24 -8.95 0.40
CA ALA A 317 -14.10 -10.07 0.04
C ALA A 317 -13.25 -11.14 -0.68
N LEU A 318 -12.21 -10.67 -1.42
CA LEU A 318 -11.26 -11.62 -2.07
C LEU A 318 -10.28 -12.23 -1.09
N GLY A 319 -10.24 -11.78 0.16
CA GLY A 319 -9.46 -12.36 1.21
C GLY A 319 -8.35 -11.52 1.80
N ALA A 320 -8.18 -10.30 1.31
CA ALA A 320 -7.13 -9.41 1.84
C ALA A 320 -7.36 -9.10 3.31
N SER A 321 -6.25 -9.07 4.07
CA SER A 321 -6.24 -8.59 5.47
C SER A 321 -6.44 -7.08 5.51
N ALA A 322 -5.89 -6.38 4.51
CA ALA A 322 -5.84 -4.93 4.40
C ALA A 322 -5.35 -4.55 3.02
N VAL A 323 -5.50 -3.28 2.67
CA VAL A 323 -5.01 -2.76 1.43
C VAL A 323 -3.96 -1.70 1.71
N LEU A 324 -3.14 -1.43 0.71
CA LEU A 324 -2.38 -0.18 0.66
C LEU A 324 -2.96 0.74 -0.40
N VAL A 325 -2.85 2.05 -0.14
CA VAL A 325 -3.28 3.09 -1.03
C VAL A 325 -2.12 4.04 -1.31
N GLY A 326 -1.78 4.24 -2.58
CA GLY A 326 -0.63 5.05 -2.93
C GLY A 326 -1.03 6.36 -3.53
N ARG A 327 -1.24 6.36 -4.83
CA ARG A 327 -1.44 7.62 -5.61
C ARG A 327 -2.51 8.52 -4.97
N PRO A 328 -3.69 8.02 -4.52
CA PRO A 328 -4.71 8.92 -3.97
C PRO A 328 -4.19 9.77 -2.80
N VAL A 329 -3.36 9.19 -1.95
CA VAL A 329 -2.82 9.91 -0.80
C VAL A 329 -1.91 11.04 -1.29
N MET A 330 -1.15 10.79 -2.36
CA MET A 330 -0.29 11.80 -2.90
C MET A 330 -1.12 12.88 -3.60
N TRP A 331 -2.24 12.53 -4.26
CA TRP A 331 -3.11 13.57 -4.81
C TRP A 331 -3.58 14.50 -3.68
N ALA A 332 -4.03 13.91 -2.55
CA ALA A 332 -4.57 14.68 -1.44
C ALA A 332 -3.48 15.59 -0.87
N LEU A 333 -2.27 15.05 -0.75
CA LEU A 333 -1.13 15.80 -0.24
C LEU A 333 -0.85 17.01 -1.16
N ALA A 334 -0.80 16.79 -2.46
CA ALA A 334 -0.50 17.83 -3.44
C ALA A 334 -1.62 18.88 -3.39
N ALA A 335 -2.88 18.44 -3.23
CA ALA A 335 -4.03 19.33 -3.31
C ALA A 335 -4.08 20.26 -2.07
N ALA A 336 -3.86 19.74 -0.87
CA ALA A 336 -4.15 20.50 0.34
C ALA A 336 -3.33 20.09 1.55
N GLY A 337 -2.16 19.47 1.33
CA GLY A 337 -1.23 19.18 2.39
C GLY A 337 -1.82 18.25 3.42
N GLN A 338 -1.45 18.46 4.69
CA GLN A 338 -1.95 17.58 5.72
C GLN A 338 -3.47 17.52 5.70
N ASP A 339 -4.14 18.69 5.60
CA ASP A 339 -5.59 18.77 5.60
CA ASP A 339 -5.59 18.67 5.68
C ASP A 339 -6.18 17.89 4.49
N GLY A 340 -5.57 17.96 3.32
CA GLY A 340 -5.96 17.17 2.14
C GLY A 340 -5.95 15.67 2.49
N VAL A 341 -4.84 15.20 3.06
CA VAL A 341 -4.74 13.77 3.41
C VAL A 341 -5.77 13.41 4.46
N ARG A 342 -6.00 14.30 5.45
CA ARG A 342 -7.02 14.04 6.46
C ARG A 342 -8.39 13.89 5.79
N GLN A 343 -8.69 14.74 4.82
CA GLN A 343 -10.03 14.68 4.19
C GLN A 343 -10.17 13.39 3.36
N LEU A 344 -9.12 13.05 2.65
CA LEU A 344 -9.10 11.79 1.92
C LEU A 344 -9.35 10.62 2.87
N LEU A 345 -8.62 10.51 4.01
CA LEU A 345 -8.78 9.39 4.90
C LEU A 345 -10.15 9.36 5.57
N GLU A 346 -10.75 10.55 5.85
CA GLU A 346 -12.08 10.59 6.37
C GLU A 346 -13.09 10.08 5.32
N LEU A 347 -12.90 10.47 4.05
CA LEU A 347 -13.78 10.07 2.95
C LEU A 347 -13.68 8.54 2.80
N LEU A 348 -12.44 8.02 2.80
CA LEU A 348 -12.29 6.54 2.72
C LEU A 348 -12.93 5.84 3.88
N ALA A 349 -12.74 6.34 5.11
CA ALA A 349 -13.32 5.73 6.22
C ALA A 349 -14.84 5.67 6.09
N GLU A 350 -15.47 6.77 5.68
CA GLU A 350 -16.89 6.77 5.57
C GLU A 350 -17.33 5.78 4.46
N GLU A 351 -16.59 5.78 3.36
CA GLU A 351 -16.95 4.85 2.21
C GLU A 351 -16.78 3.39 2.66
N VAL A 352 -15.74 3.06 3.44
CA VAL A 352 -15.58 1.69 3.96
C VAL A 352 -16.72 1.28 4.88
N ARG A 353 -17.09 2.16 5.82
N ARG A 353 -17.10 2.17 5.81
CA ARG A 353 -18.16 1.85 6.70
CA ARG A 353 -18.16 1.89 6.69
C ARG A 353 -19.47 1.67 5.93
C ARG A 353 -19.47 1.68 5.92
N ASP A 354 -19.74 2.56 4.97
CA ASP A 354 -20.95 2.52 4.17
C ASP A 354 -21.01 1.18 3.42
N ALA A 355 -19.91 0.86 2.73
CA ALA A 355 -19.87 -0.38 1.89
C ALA A 355 -20.04 -1.60 2.76
N MET A 356 -19.34 -1.67 3.92
CA MET A 356 -19.48 -2.77 4.82
C MET A 356 -20.91 -2.98 5.28
N GLY A 357 -21.55 -1.89 5.70
CA GLY A 357 -22.87 -2.04 6.22
C GLY A 357 -23.87 -2.46 5.15
N LEU A 358 -23.80 -1.81 4.00
CA LEU A 358 -24.67 -2.19 2.90
C LEU A 358 -24.46 -3.63 2.49
N ALA A 359 -23.26 -4.18 2.74
CA ALA A 359 -23.00 -5.60 2.41
C ALA A 359 -23.31 -6.54 3.56
N GLY A 360 -23.81 -6.05 4.70
CA GLY A 360 -24.18 -6.85 5.83
C GLY A 360 -23.02 -7.30 6.72
N CYS A 361 -21.94 -6.53 6.72
CA CYS A 361 -20.78 -6.91 7.49
C CYS A 361 -20.58 -5.95 8.66
N GLU A 362 -20.58 -6.51 9.84
CA GLU A 362 -20.36 -5.76 11.07
CA GLU A 362 -20.38 -5.73 11.02
C GLU A 362 -18.87 -5.62 11.35
N SER A 363 -18.03 -6.41 10.66
CA SER A 363 -16.65 -6.44 10.91
C SER A 363 -15.90 -6.73 9.62
N VAL A 364 -14.60 -6.44 9.60
CA VAL A 364 -13.78 -6.78 8.40
C VAL A 364 -13.72 -8.33 8.22
N GLY A 365 -13.66 -9.10 9.32
CA GLY A 365 -13.72 -10.55 9.20
C GLY A 365 -14.93 -10.99 8.44
N ALA A 366 -16.13 -10.44 8.77
CA ALA A 366 -17.29 -10.78 8.02
C ALA A 366 -17.17 -10.42 6.53
N ALA A 367 -16.54 -9.27 6.23
CA ALA A 367 -16.35 -8.86 4.88
C ALA A 367 -15.48 -9.88 4.13
N ARG A 368 -14.53 -10.51 4.81
CA ARG A 368 -13.66 -11.48 4.17
C ARG A 368 -14.48 -12.70 3.76
N ARG A 369 -15.61 -12.94 4.41
CA ARG A 369 -16.42 -14.08 4.12
C ARG A 369 -17.48 -13.80 3.05
N LEU A 370 -17.55 -12.56 2.54
CA LEU A 370 -18.42 -12.29 1.40
C LEU A 370 -17.93 -13.02 0.17
N ASN A 371 -18.87 -13.39 -0.67
CA ASN A 371 -18.53 -13.93 -1.96
C ASN A 371 -18.60 -12.84 -3.04
N THR A 372 -17.95 -13.10 -4.15
CA THR A 372 -17.88 -12.21 -5.29
C THR A 372 -18.25 -12.96 -6.54
N LYS A 373 -18.50 -12.17 -7.57
CA LYS A 373 -18.77 -12.73 -8.92
CA LYS A 373 -18.80 -12.68 -8.92
C LYS A 373 -18.05 -11.81 -9.90
N LEU A 374 -17.34 -12.42 -10.86
CA LEU A 374 -16.76 -11.61 -11.94
C LEU A 374 -17.87 -11.24 -12.92
N GLY A 375 -17.87 -9.97 -13.34
CA GLY A 375 -18.80 -9.46 -14.35
C GLY A 375 -18.01 -8.99 -15.56
N VAL A 376 -18.69 -8.31 -16.50
CA VAL A 376 -18.03 -7.67 -17.66
C VAL A 376 -18.09 -6.14 -17.52
N VAL A 377 -17.05 -5.55 -18.13
CA VAL A 377 -16.59 -4.15 -18.10
C VAL A 377 -16.77 -3.53 -16.70
#